data_6I51
#
_entry.id   6I51
#
_cell.length_a   70.389
_cell.length_b   71.120
_cell.length_c   72.459
_cell.angle_alpha   90.00
_cell.angle_beta   100.30
_cell.angle_gamma   90.00
#
_symmetry.space_group_name_H-M   'C 1 2 1'
#
loop_
_entity.id
_entity.type
_entity.pdbx_description
1 polymer Prothrombin
2 polymer Prothrombin
3 polymer 'Hirudin variant-2'
4 non-polymer 2-acetamido-2-deoxy-beta-D-glucopyranose
5 non-polymer 'DIMETHYL SULFOXIDE'
6 non-polymer 'PHOSPHATE ION'
7 non-polymer 'SODIUM ION'
8 non-polymer 1H-isoindol-3-amine
9 water water
#
loop_
_entity_poly.entity_id
_entity_poly.type
_entity_poly.pdbx_seq_one_letter_code
_entity_poly.pdbx_strand_id
1 'polypeptide(L)' TFGSGEADCGLRPLFEKKSLEDKTERELLESYIDGR L
2 'polypeptide(L)'
;IVEGSDAEIGMSPWQVMLFRKSPQELLCGASLISDRWVLTAAHCLLYPPWDKNFTENDLLVRIGKHSRTRYERNIEKISM
LEKIYIHPRYNWRENLDRDIALMKLKKPVAFSDYIHPVCLPDRETAASLLQAGYKGRVTGWGNLKETWTANVGKGQPSVL
QVVNLPIVERPVCKDSTRIRITDNMFCAGYKPDEGKRGDACEGDSGGPFVMKSPFNNRWYQMGIVSWGEGCDRDGKYGFY
THVFRLKKWIQKVIDQFGE
;
H
3 'polypeptide(L)' GDFEEIPEE(TYS)LQ I
#
loop_
_chem_comp.id
_chem_comp.type
_chem_comp.name
_chem_comp.formula
DMS non-polymer 'DIMETHYL SULFOXIDE' 'C2 H6 O S'
F05 non-polymer 1H-isoindol-3-amine 'C8 H8 N2'
NA non-polymer 'SODIUM ION' 'Na 1'
NAG D-saccharide, beta linking 2-acetamido-2-deoxy-beta-D-glucopyranose 'C8 H15 N O6'
PO4 non-polymer 'PHOSPHATE ION' 'O4 P -3'
#
# COMPACT_ATOMS: atom_id res chain seq x y z
N GLU A 6 12.94 -11.34 -5.49
CA GLU A 6 11.63 -12.03 -5.64
C GLU A 6 11.67 -13.42 -5.01
N ALA A 7 12.77 -14.16 -5.20
CA ALA A 7 12.83 -15.50 -4.62
C ALA A 7 12.53 -15.49 -3.12
N ASP A 8 12.93 -14.44 -2.43
CA ASP A 8 12.75 -14.30 -0.99
C ASP A 8 11.59 -13.36 -0.64
N CYS A 9 10.77 -13.01 -1.61
CA CYS A 9 9.75 -12.01 -1.37
C CYS A 9 8.78 -12.45 -0.29
N GLY A 10 8.26 -11.49 0.46
CA GLY A 10 7.15 -11.76 1.35
C GLY A 10 7.51 -12.48 2.64
N LEU A 11 8.79 -12.69 2.90
CA LEU A 11 9.26 -13.33 4.12
C LEU A 11 10.00 -12.26 4.91
N ARG A 12 9.40 -11.80 6.02
CA ARG A 12 9.94 -10.65 6.74
C ARG A 12 11.14 -11.05 7.60
N PRO A 13 12.23 -10.29 7.53
CA PRO A 13 13.39 -10.59 8.37
C PRO A 13 13.09 -10.73 9.85
N LEU A 14 12.23 -9.90 10.41
CA LEU A 14 11.98 -9.93 11.85
C LEU A 14 10.81 -10.82 12.24
N PHE A 15 10.16 -11.48 11.29
CA PHE A 15 9.03 -12.36 11.58
C PHE A 15 9.22 -13.73 10.95
N GLU A 16 8.80 -13.91 9.70
CA GLU A 16 8.89 -15.24 9.09
C GLU A 16 10.30 -15.80 9.11
N LYS A 17 11.31 -14.97 8.83
N LYS A 17 11.30 -14.95 8.85
CA LYS A 17 12.66 -15.49 8.75
CA LYS A 17 12.68 -15.42 8.77
C LYS A 17 13.18 -15.98 10.10
C LYS A 17 13.13 -16.02 10.09
N LYS A 18 12.57 -15.55 11.20
CA LYS A 18 12.94 -15.99 12.55
C LYS A 18 11.87 -16.84 13.19
N SER A 19 10.85 -17.23 12.43
CA SER A 19 9.69 -17.94 12.96
C SER A 19 9.08 -17.23 14.17
N LEU A 20 8.93 -15.91 14.05
CA LEU A 20 8.17 -15.11 15.01
C LEU A 20 6.91 -14.58 14.32
N GLU A 21 5.78 -14.65 15.03
N GLU A 21 5.83 -14.54 15.10
CA GLU A 21 4.54 -14.13 14.49
CA GLU A 21 4.50 -14.17 14.63
C GLU A 21 4.30 -12.72 15.02
C GLU A 21 4.18 -12.75 15.09
N ASP A 22 3.65 -11.92 14.20
CA ASP A 22 3.21 -10.59 14.63
C ASP A 22 1.90 -10.72 15.40
N LYS A 23 1.48 -9.62 16.02
CA LYS A 23 0.42 -9.69 17.01
C LYS A 23 -0.95 -9.95 16.40
N THR A 24 -1.15 -9.71 15.10
CA THR A 24 -2.48 -9.86 14.53
C THR A 24 -2.56 -10.72 13.27
N GLU A 25 -1.45 -11.32 12.83
CA GLU A 25 -1.54 -12.13 11.61
C GLU A 25 -2.46 -13.32 11.77
N ARG A 26 -2.64 -13.81 13.00
CA ARG A 26 -3.55 -14.92 13.20
C ARG A 26 -4.99 -14.55 12.82
N GLU A 27 -5.38 -13.28 12.99
CA GLU A 27 -6.71 -12.85 12.56
C GLU A 27 -6.90 -13.09 11.06
N LEU A 28 -5.85 -12.84 10.28
CA LEU A 28 -5.95 -13.12 8.85
C LEU A 28 -6.12 -14.61 8.60
N LEU A 29 -5.26 -15.42 9.22
CA LEU A 29 -5.32 -16.86 8.99
C LEU A 29 -6.71 -17.41 9.34
N GLU A 30 -7.27 -16.95 10.46
CA GLU A 30 -8.56 -17.46 10.88
C GLU A 30 -9.69 -17.09 9.94
N SER A 31 -9.51 -16.04 9.14
CA SER A 31 -10.51 -15.66 8.14
C SER A 31 -10.42 -16.50 6.87
N TYR A 32 -9.34 -17.27 6.69
CA TYR A 32 -9.13 -18.01 5.43
C TYR A 32 -9.75 -19.39 5.61
N ILE A 33 -11.07 -19.44 5.45
CA ILE A 33 -11.85 -20.62 5.75
C ILE A 33 -12.10 -21.45 4.49
N ILE B 1 -4.86 5.90 8.40
CA ILE B 1 -5.62 4.72 8.81
C ILE B 1 -6.51 5.05 10.02
N VAL B 2 -7.80 4.73 9.90
CA VAL B 2 -8.78 4.96 10.97
C VAL B 2 -9.01 3.65 11.72
N GLU B 3 -8.94 3.71 13.04
CA GLU B 3 -9.27 2.57 13.90
C GLU B 3 -8.29 1.43 13.73
N GLY B 4 -7.04 1.76 13.41
CA GLY B 4 -5.96 0.80 13.38
C GLY B 4 -5.10 0.90 14.62
N SER B 5 -3.91 0.36 14.53
CA SER B 5 -2.98 0.38 15.64
C SER B 5 -1.57 0.65 15.13
N ASP B 6 -0.67 0.95 16.07
CA ASP B 6 0.72 1.12 15.71
C ASP B 6 1.29 -0.17 15.15
N ALA B 7 2.01 -0.07 14.04
CA ALA B 7 2.73 -1.24 13.52
C ALA B 7 3.84 -1.66 14.48
N GLU B 8 4.16 -2.95 14.43
CA GLU B 8 5.37 -3.45 15.07
C GLU B 8 6.57 -3.11 14.21
N ILE B 9 7.74 -3.05 14.84
CA ILE B 9 8.97 -2.81 14.10
C ILE B 9 9.17 -3.95 13.09
N GLY B 10 9.42 -3.58 11.83
CA GLY B 10 9.63 -4.55 10.79
C GLY B 10 8.41 -5.31 10.34
N MET B 11 7.21 -4.86 10.73
CA MET B 11 5.99 -5.59 10.41
C MET B 11 5.63 -5.49 8.94
N SER B 12 6.04 -4.40 8.28
N SER B 12 5.98 -4.39 8.29
CA SER B 12 5.67 -4.13 6.88
CA SER B 12 5.67 -4.15 6.87
C SER B 12 6.92 -3.60 6.17
C SER B 12 6.92 -3.61 6.20
N PRO B 13 7.94 -4.44 6.01
CA PRO B 13 9.24 -3.93 5.54
C PRO B 13 9.23 -3.54 4.08
N TRP B 14 8.14 -3.81 3.38
CA TRP B 14 7.93 -3.35 2.01
C TRP B 14 7.25 -1.98 1.97
N GLN B 15 6.89 -1.41 3.12
N GLN B 15 6.87 -1.39 3.10
CA GLN B 15 6.24 -0.11 3.14
CA GLN B 15 6.14 -0.13 3.09
C GLN B 15 7.16 0.95 2.55
C GLN B 15 7.07 1.01 2.68
N VAL B 16 6.60 1.82 1.74
CA VAL B 16 7.34 2.95 1.18
C VAL B 16 6.53 4.22 1.41
N MET B 17 7.22 5.29 1.76
CA MET B 17 6.63 6.63 1.84
C MET B 17 7.05 7.40 0.60
N LEU B 18 6.05 7.93 -0.11
CA LEU B 18 6.30 8.89 -1.17
C LEU B 18 6.36 10.27 -0.54
N PHE B 19 7.46 10.98 -0.78
CA PHE B 19 7.80 12.20 -0.07
C PHE B 19 8.05 13.31 -1.06
N ARG B 20 7.34 14.42 -0.89
N ARG B 20 7.33 14.42 -0.91
CA ARG B 20 7.56 15.59 -1.74
CA ARG B 20 7.55 15.59 -1.76
C ARG B 20 8.80 16.33 -1.29
C ARG B 20 8.79 16.33 -1.30
N LYS B 21 9.61 16.76 -2.27
CA LYS B 21 10.86 17.46 -1.96
C LYS B 21 10.62 18.86 -1.42
N SER B 22 9.78 19.63 -2.10
CA SER B 22 9.57 21.03 -1.73
C SER B 22 8.12 21.40 -2.00
N PRO B 23 7.31 21.67 -0.96
CA PRO B 23 7.61 21.57 0.48
C PRO B 23 7.79 20.12 0.92
N GLN B 24 8.66 19.86 1.90
CA GLN B 24 8.87 18.50 2.38
C GLN B 24 7.59 17.99 3.05
N GLU B 25 6.96 16.97 2.46
CA GLU B 25 5.71 16.47 3.02
C GLU B 25 5.41 15.08 2.49
N LEU B 26 4.62 14.34 3.25
CA LEU B 26 4.12 13.06 2.79
C LEU B 26 3.18 13.27 1.61
N LEU B 27 3.37 12.49 0.56
CA LEU B 27 2.45 12.49 -0.57
C LEU B 27 1.55 11.28 -0.61
N CYS B 28 2.04 10.11 -0.24
CA CYS B 28 1.29 8.89 -0.44
C CYS B 28 2.09 7.77 0.17
N GLY B 29 1.45 6.61 0.27
CA GLY B 29 2.13 5.34 0.49
C GLY B 29 2.49 4.69 -0.84
N ALA B 30 3.18 3.56 -0.72
CA ALA B 30 3.72 2.79 -1.85
C ALA B 30 4.31 1.51 -1.25
N SER B 31 4.79 0.63 -2.12
CA SER B 31 5.36 -0.65 -1.66
C SER B 31 6.58 -1.03 -2.48
N LEU B 32 7.50 -1.75 -1.83
CA LEU B 32 8.71 -2.23 -2.48
C LEU B 32 8.46 -3.64 -3.03
N ILE B 33 8.67 -3.82 -4.34
CA ILE B 33 8.45 -5.12 -4.98
C ILE B 33 9.74 -5.74 -5.49
N SER B 34 10.85 -5.02 -5.49
CA SER B 34 12.16 -5.58 -5.81
C SER B 34 13.18 -4.55 -5.32
N ASP B 35 14.47 -4.81 -5.58
CA ASP B 35 15.45 -3.83 -5.14
C ASP B 35 15.42 -2.53 -5.95
N ARG B 36 14.68 -2.48 -7.06
CA ARG B 36 14.69 -1.30 -7.91
C ARG B 36 13.29 -0.76 -8.27
N TRP B 37 12.22 -1.41 -7.82
CA TRP B 37 10.88 -1.06 -8.27
C TRP B 37 9.93 -0.88 -7.09
N VAL B 38 9.13 0.19 -7.19
CA VAL B 38 8.16 0.58 -6.17
C VAL B 38 6.80 0.72 -6.84
N LEU B 39 5.78 0.16 -6.21
CA LEU B 39 4.41 0.16 -6.70
C LEU B 39 3.58 1.17 -5.91
N THR B 40 2.72 1.93 -6.61
CA THR B 40 1.84 2.87 -5.95
C THR B 40 0.57 3.02 -6.78
N ALA B 41 -0.29 3.93 -6.34
CA ALA B 41 -1.51 4.27 -7.06
C ALA B 41 -1.20 5.37 -8.05
N ALA B 42 -1.80 5.27 -9.22
CA ALA B 42 -1.63 6.32 -10.23
C ALA B 42 -2.10 7.67 -9.72
N HIS B 43 -3.18 7.72 -8.94
CA HIS B 43 -3.70 9.02 -8.50
C HIS B 43 -2.75 9.71 -7.52
N CYS B 44 -1.78 8.99 -6.95
CA CYS B 44 -0.75 9.62 -6.15
C CYS B 44 0.14 10.52 -6.97
N LEU B 45 0.24 10.24 -8.27
CA LEU B 45 1.18 10.94 -9.14
C LEU B 45 0.48 11.81 -10.17
N LEU B 46 -0.72 11.41 -10.61
CA LEU B 46 -1.43 12.10 -11.68
C LEU B 46 -2.89 12.18 -11.30
N TYR B 47 -3.39 13.39 -11.05
CA TYR B 47 -4.81 13.61 -10.80
C TYR B 47 -5.16 15.02 -11.25
N PRO B 48 -5.48 15.19 -12.53
CA PRO B 48 -5.67 16.54 -13.11
C PRO B 48 -6.78 17.33 -12.47
N PRO B 49 -7.84 16.71 -11.95
CA PRO B 49 -8.86 17.51 -11.26
C PRO B 49 -8.33 18.32 -10.11
N TRP B 50 -7.21 17.90 -9.50
CA TRP B 50 -6.56 18.61 -8.42
C TRP B 50 -5.25 19.24 -8.86
N ASP B 51 -5.02 19.37 -10.15
CA ASP B 51 -3.79 19.95 -10.69
C ASP B 51 -2.56 19.21 -10.18
N LYS B 52 -2.68 17.89 -10.09
CA LYS B 52 -1.59 17.02 -9.63
C LYS B 52 -0.99 16.31 -10.83
N ASN B 53 0.30 16.53 -11.08
CA ASN B 53 1.03 15.83 -12.13
C ASN B 53 2.51 15.87 -11.77
N PHE B 54 2.94 14.95 -10.91
CA PHE B 54 4.31 14.97 -10.42
C PHE B 54 5.26 14.36 -11.44
N THR B 55 6.46 14.92 -11.51
CA THR B 55 7.54 14.37 -12.32
C THR B 55 8.54 13.70 -11.39
N GLU B 56 9.44 12.90 -11.98
CA GLU B 56 10.43 12.17 -11.20
C GLU B 56 11.17 13.07 -10.22
N ASN B 57 11.58 14.25 -10.66
CA ASN B 57 12.44 15.09 -9.83
C ASN B 57 11.69 15.78 -8.70
N ASP B 58 10.36 15.70 -8.68
CA ASP B 58 9.63 16.30 -7.57
C ASP B 58 9.65 15.44 -6.32
N LEU B 59 10.06 14.18 -6.44
CA LEU B 59 9.72 13.16 -5.47
C LEU B 59 10.96 12.41 -4.97
N LEU B 60 10.83 11.87 -3.77
CA LEU B 60 11.74 10.88 -3.22
C LEU B 60 10.88 9.73 -2.68
N VAL B 61 11.50 8.57 -2.52
CA VAL B 61 10.87 7.49 -1.79
C VAL B 61 11.71 7.20 -0.55
N ARG B 62 11.03 6.98 0.57
CA ARG B 62 11.67 6.69 1.84
C ARG B 62 11.23 5.28 2.25
N ILE B 63 12.21 4.40 2.45
CA ILE B 63 11.98 2.99 2.64
C ILE B 63 12.56 2.58 3.97
N GLY B 64 11.93 1.64 4.65
CA GLY B 64 12.37 1.21 5.96
C GLY B 64 11.82 2.02 7.11
N LYS B 65 10.82 2.86 6.87
CA LYS B 65 10.37 3.81 7.88
C LYS B 65 9.37 3.21 8.85
N HIS B 66 9.28 3.85 10.00
CA HIS B 66 8.31 3.55 11.04
C HIS B 66 7.69 4.86 11.51
N SER B 67 8.51 5.74 12.08
CA SER B 67 8.03 7.07 12.41
C SER B 67 7.59 7.81 11.15
N ARG B 68 6.48 8.55 11.27
CA ARG B 68 6.00 9.36 10.14
C ARG B 68 6.94 10.53 9.85
N THR B 69 7.32 11.28 10.87
CA THR B 69 7.95 12.59 10.65
C THR B 69 9.46 12.59 10.85
N ARG B 70 10.00 11.64 11.59
N ARG B 70 10.02 11.64 11.57
CA ARG B 70 11.42 11.62 11.93
CA ARG B 70 11.43 11.73 11.93
C ARG B 70 12.27 11.18 10.75
C ARG B 70 12.30 11.12 10.84
N TYR B 71 13.51 11.67 10.70
CA TYR B 71 14.52 11.10 9.82
C TYR B 71 15.17 9.97 10.61
N GLU B 72 14.90 8.73 10.18
CA GLU B 72 15.23 7.55 10.97
C GLU B 72 16.62 7.10 10.56
N ARG B 73 17.59 7.84 11.12
CA ARG B 73 19.00 7.65 10.81
C ARG B 73 19.41 6.21 11.08
N ASN B 74 20.17 5.65 10.14
CA ASN B 74 20.73 4.31 10.16
C ASN B 74 19.70 3.22 9.90
N ILE B 75 18.47 3.58 9.59
CA ILE B 75 17.38 2.62 9.41
C ILE B 75 16.71 2.85 8.07
N GLU B 76 16.13 4.02 7.89
CA GLU B 76 15.49 4.31 6.62
C GLU B 76 16.52 4.59 5.54
N LYS B 77 16.12 4.36 4.30
CA LYS B 77 16.90 4.69 3.13
C LYS B 77 16.05 5.54 2.21
N ILE B 78 16.66 6.56 1.63
CA ILE B 78 15.97 7.52 0.78
C ILE B 78 16.52 7.37 -0.63
N SER B 79 15.61 7.20 -1.60
CA SER B 79 15.97 6.89 -2.97
C SER B 79 15.36 7.91 -3.91
N MET B 80 16.10 8.25 -4.97
CA MET B 80 15.60 9.09 -6.02
C MET B 80 14.97 8.25 -7.13
N LEU B 81 14.09 8.88 -7.91
CA LEU B 81 13.37 8.18 -8.96
C LEU B 81 14.07 8.33 -10.29
N GLU B 82 14.24 7.22 -10.99
CA GLU B 82 14.66 7.26 -12.38
C GLU B 82 13.49 7.55 -13.30
N LYS B 83 12.41 6.77 -13.18
CA LYS B 83 11.28 6.93 -14.08
C LYS B 83 9.97 6.49 -13.45
N ILE B 84 8.91 7.23 -13.76
CA ILE B 84 7.53 6.90 -13.42
C ILE B 84 6.86 6.26 -14.63
N TYR B 85 6.03 5.24 -14.39
CA TYR B 85 5.19 4.61 -15.39
C TYR B 85 3.78 4.54 -14.84
N ILE B 86 2.84 5.18 -15.52
CA ILE B 86 1.44 5.16 -15.14
C ILE B 86 0.70 4.26 -16.11
N HIS B 87 -0.23 3.48 -15.59
CA HIS B 87 -1.01 2.63 -16.48
C HIS B 87 -1.60 3.47 -17.62
N PRO B 88 -1.45 3.04 -18.88
CA PRO B 88 -1.93 3.85 -20.00
C PRO B 88 -3.44 3.99 -20.07
N ARG B 89 -4.18 3.10 -19.41
CA ARG B 89 -5.63 3.21 -19.37
C ARG B 89 -6.14 3.56 -17.98
N TYR B 90 -5.29 4.17 -17.14
CA TYR B 90 -5.75 4.74 -15.88
C TYR B 90 -6.82 5.78 -16.16
N ASN B 91 -7.97 5.62 -15.51
CA ASN B 91 -9.16 6.43 -15.79
C ASN B 91 -9.34 7.42 -14.66
N TRP B 92 -8.61 8.53 -14.72
CA TRP B 92 -8.75 9.60 -13.73
C TRP B 92 -9.98 10.45 -13.99
N ARG B 93 -10.59 10.32 -15.15
N ARG B 93 -10.60 10.32 -15.16
CA ARG B 93 -11.74 11.17 -15.47
CA ARG B 93 -11.73 11.16 -15.51
C ARG B 93 -12.99 10.72 -14.73
C ARG B 93 -13.01 10.71 -14.83
N GLU B 94 -13.17 9.40 -14.57
CA GLU B 94 -14.43 8.86 -14.08
C GLU B 94 -14.31 8.23 -12.70
N ASN B 95 -13.59 7.12 -12.56
CA ASN B 95 -13.72 6.27 -11.38
C ASN B 95 -12.41 5.69 -10.89
N LEU B 96 -11.27 6.19 -11.37
CA LEU B 96 -9.95 5.69 -10.99
C LEU B 96 -9.74 4.23 -11.40
N ASP B 97 -10.39 3.80 -12.48
CA ASP B 97 -10.12 2.47 -13.00
C ASP B 97 -8.64 2.34 -13.35
N ARG B 98 -8.06 1.19 -13.00
CA ARG B 98 -6.67 0.87 -13.30
C ARG B 98 -5.74 1.85 -12.59
N ASP B 99 -5.98 2.02 -11.29
CA ASP B 99 -5.26 3.01 -10.48
C ASP B 99 -3.94 2.41 -10.01
N ILE B 100 -2.94 2.44 -10.91
CA ILE B 100 -1.67 1.75 -10.65
C ILE B 100 -0.55 2.49 -11.36
N ALA B 101 0.60 2.54 -10.71
CA ALA B 101 1.79 3.12 -11.27
C ALA B 101 3.00 2.43 -10.69
N LEU B 102 4.08 2.43 -11.47
CA LEU B 102 5.37 1.94 -11.03
C LEU B 102 6.38 3.07 -11.03
N MET B 103 7.33 3.00 -10.09
CA MET B 103 8.45 3.93 -10.00
C MET B 103 9.74 3.12 -9.96
N LYS B 104 10.64 3.39 -10.90
CA LYS B 104 11.95 2.75 -10.90
C LYS B 104 12.95 3.64 -10.19
N LEU B 105 13.73 3.04 -9.29
CA LEU B 105 14.69 3.80 -8.52
C LEU B 105 16.00 3.99 -9.29
N LYS B 106 16.67 5.10 -9.00
CA LYS B 106 17.92 5.39 -9.68
C LYS B 106 18.99 4.37 -9.34
N LYS B 107 18.99 3.87 -8.11
CA LYS B 107 19.95 2.85 -7.71
C LYS B 107 19.23 1.83 -6.85
N PRO B 108 19.69 0.58 -6.85
CA PRO B 108 19.04 -0.45 -6.02
C PRO B 108 19.20 -0.15 -4.55
N VAL B 109 18.16 -0.46 -3.79
CA VAL B 109 18.17 -0.27 -2.35
C VAL B 109 18.67 -1.56 -1.70
N ALA B 110 19.48 -1.41 -0.65
CA ALA B 110 19.97 -2.55 0.10
C ALA B 110 18.89 -3.05 1.06
N PHE B 111 18.61 -4.35 1.02
CA PHE B 111 17.64 -4.91 1.94
C PHE B 111 18.26 -4.99 3.34
N SER B 112 17.40 -5.04 4.34
CA SER B 112 17.81 -5.05 5.74
C SER B 112 16.70 -5.67 6.56
N ASP B 113 16.83 -5.64 7.88
CA ASP B 113 15.74 -6.11 8.73
C ASP B 113 14.48 -5.28 8.52
N TYR B 114 14.60 -4.05 8.02
CA TYR B 114 13.51 -3.09 7.91
C TYR B 114 13.05 -2.86 6.47
N ILE B 115 13.77 -3.43 5.50
CA ILE B 115 13.58 -3.16 4.07
C ILE B 115 13.59 -4.50 3.36
N HIS B 116 12.42 -4.90 2.83
CA HIS B 116 12.31 -6.19 2.19
C HIS B 116 11.11 -6.19 1.27
N PRO B 117 11.19 -6.80 0.08
CA PRO B 117 10.06 -6.72 -0.86
C PRO B 117 8.93 -7.68 -0.55
N VAL B 118 7.72 -7.23 -0.94
CA VAL B 118 6.51 -8.04 -0.88
C VAL B 118 6.38 -8.81 -2.19
N CYS B 119 5.68 -9.96 -2.14
CA CYS B 119 5.40 -10.70 -3.36
C CYS B 119 4.18 -10.15 -4.09
N LEU B 120 4.18 -10.33 -5.41
CA LEU B 120 2.98 -10.05 -6.17
C LEU B 120 2.26 -11.35 -6.47
N PRO B 121 0.93 -11.36 -6.44
CA PRO B 121 0.20 -12.62 -6.58
C PRO B 121 0.27 -13.23 -7.96
N ASP B 122 0.29 -14.55 -7.98
CA ASP B 122 0.00 -15.33 -9.15
C ASP B 122 -1.52 -15.56 -9.26
N ARG B 123 -1.95 -16.09 -10.41
CA ARG B 123 -3.39 -16.30 -10.63
C ARG B 123 -3.98 -17.19 -9.54
N GLU B 124 -3.26 -18.25 -9.15
CA GLU B 124 -3.80 -19.22 -8.19
C GLU B 124 -3.90 -18.62 -6.79
N THR B 125 -2.89 -17.87 -6.36
CA THR B 125 -2.98 -17.23 -5.06
C THR B 125 -4.11 -16.21 -5.05
N ALA B 126 -4.28 -15.45 -6.14
CA ALA B 126 -5.38 -14.50 -6.21
C ALA B 126 -6.73 -15.21 -6.15
N ALA B 127 -6.88 -16.31 -6.90
CA ALA B 127 -8.15 -17.04 -6.91
C ALA B 127 -8.47 -17.59 -5.53
N SER B 128 -7.46 -18.09 -4.83
CA SER B 128 -7.71 -18.70 -3.53
C SER B 128 -8.04 -17.67 -2.46
N LEU B 129 -7.36 -16.53 -2.46
CA LEU B 129 -7.44 -15.61 -1.34
C LEU B 129 -8.39 -14.43 -1.54
N LEU B 130 -8.69 -14.06 -2.79
N LEU B 130 -8.73 -14.05 -2.77
CA LEU B 130 -9.60 -12.95 -3.05
CA LEU B 130 -9.54 -12.84 -2.94
C LEU B 130 -11.03 -13.45 -2.96
C LEU B 130 -11.03 -13.20 -2.91
N GLN B 131 -11.48 -13.61 -1.72
CA GLN B 131 -12.81 -14.11 -1.46
C GLN B 131 -13.44 -13.26 -0.37
N ALA B 132 -14.74 -13.03 -0.48
CA ALA B 132 -15.46 -12.27 0.54
C ALA B 132 -15.28 -12.91 1.90
N GLY B 133 -15.00 -12.07 2.89
CA GLY B 133 -14.76 -12.51 4.23
C GLY B 133 -13.29 -12.71 4.58
N TYR B 134 -12.46 -13.02 3.60
CA TYR B 134 -11.04 -13.19 3.85
C TYR B 134 -10.43 -11.82 4.13
N LYS B 135 -9.56 -11.77 5.12
CA LYS B 135 -9.05 -10.48 5.56
C LYS B 135 -7.67 -10.20 4.97
N GLY B 136 -7.43 -8.93 4.68
CA GLY B 136 -6.12 -8.44 4.35
C GLY B 136 -5.74 -7.34 5.30
N ARG B 137 -4.56 -6.79 5.07
CA ARG B 137 -3.96 -5.83 5.97
C ARG B 137 -3.56 -4.59 5.20
N VAL B 138 -3.94 -3.43 5.73
CA VAL B 138 -3.64 -2.14 5.12
C VAL B 138 -2.77 -1.33 6.07
N THR B 139 -1.78 -0.66 5.52
CA THR B 139 -0.82 0.09 6.32
C THR B 139 -0.59 1.45 5.72
N GLY B 140 -0.34 2.44 6.58
CA GLY B 140 -0.02 3.77 6.10
C GLY B 140 0.12 4.79 7.20
N TRP B 141 0.53 5.98 6.78
CA TRP B 141 0.74 7.12 7.66
C TRP B 141 -0.32 8.18 7.48
N GLY B 142 -1.42 7.85 6.82
CA GLY B 142 -2.47 8.82 6.57
C GLY B 142 -3.26 9.16 7.82
N ASN B 143 -4.29 9.98 7.61
CA ASN B 143 -5.02 10.54 8.73
C ASN B 143 -5.70 9.46 9.58
N LEU B 144 -5.79 9.74 10.87
CA LEU B 144 -6.43 8.87 11.83
C LEU B 144 -7.95 9.05 11.86
N LYS B 145 -8.45 10.14 11.26
CA LYS B 145 -9.87 10.47 11.29
C LYS B 145 -10.18 11.27 10.04
N GLU B 146 -11.44 11.22 9.62
CA GLU B 146 -11.82 11.89 8.38
C GLU B 146 -11.68 13.40 8.52
N THR B 147 -12.13 13.97 9.64
CA THR B 147 -12.16 15.41 9.81
C THR B 147 -11.96 15.75 11.28
N GLY B 155 -5.11 13.94 14.89
CA GLY B 155 -5.48 13.71 13.51
C GLY B 155 -4.48 12.88 12.72
N GLN B 156 -3.18 13.02 13.00
CA GLN B 156 -2.16 12.32 12.23
C GLN B 156 -1.31 11.44 13.15
N PRO B 157 -0.78 10.32 12.64
CA PRO B 157 -0.06 9.38 13.52
C PRO B 157 1.42 9.69 13.71
N SER B 158 1.94 9.29 14.88
CA SER B 158 3.37 9.35 15.11
C SER B 158 4.12 8.27 14.33
N VAL B 159 3.54 7.06 14.21
CA VAL B 159 4.20 5.95 13.54
C VAL B 159 3.20 5.26 12.60
N LEU B 160 3.77 4.42 11.74
CA LEU B 160 2.98 3.63 10.79
C LEU B 160 1.81 2.92 11.47
N GLN B 161 0.64 2.99 10.83
CA GLN B 161 -0.58 2.37 11.35
C GLN B 161 -0.94 1.15 10.51
N VAL B 162 -1.63 0.21 11.16
N VAL B 162 -1.63 0.20 11.15
CA VAL B 162 -2.01 -1.06 10.57
CA VAL B 162 -2.00 -1.07 10.51
C VAL B 162 -3.48 -1.31 10.87
C VAL B 162 -3.43 -1.41 10.89
N VAL B 163 -4.19 -1.91 9.93
CA VAL B 163 -5.54 -2.40 10.19
C VAL B 163 -5.81 -3.60 9.30
N ASN B 164 -6.48 -4.59 9.87
CA ASN B 164 -6.90 -5.77 9.12
C ASN B 164 -8.37 -5.61 8.76
N LEU B 165 -8.72 -5.91 7.50
CA LEU B 165 -10.08 -5.66 7.02
C LEU B 165 -10.54 -6.79 6.11
N PRO B 166 -11.80 -7.20 6.20
CA PRO B 166 -12.31 -8.26 5.31
C PRO B 166 -12.69 -7.76 3.93
N ILE B 167 -12.38 -8.58 2.92
CA ILE B 167 -12.86 -8.35 1.57
C ILE B 167 -14.39 -8.47 1.58
N VAL B 168 -15.05 -7.64 0.79
CA VAL B 168 -16.51 -7.57 0.77
C VAL B 168 -17.03 -8.10 -0.57
N GLU B 169 -18.18 -8.76 -0.50
CA GLU B 169 -18.85 -9.25 -1.68
C GLU B 169 -19.07 -8.14 -2.70
N ARG B 170 -18.82 -8.45 -3.98
CA ARG B 170 -18.90 -7.43 -5.00
C ARG B 170 -20.25 -6.72 -5.08
N PRO B 171 -21.40 -7.40 -4.95
CA PRO B 171 -22.68 -6.68 -4.98
C PRO B 171 -22.80 -5.67 -3.86
N VAL B 172 -22.26 -5.98 -2.68
CA VAL B 172 -22.31 -5.04 -1.56
C VAL B 172 -21.42 -3.84 -1.87
N CYS B 173 -20.25 -4.07 -2.44
CA CYS B 173 -19.41 -2.96 -2.85
C CYS B 173 -20.15 -2.05 -3.82
N LYS B 174 -20.74 -2.63 -4.85
CA LYS B 174 -21.44 -1.85 -5.85
C LYS B 174 -22.61 -1.07 -5.25
N ASP B 175 -23.35 -1.71 -4.35
CA ASP B 175 -24.55 -1.11 -3.77
C ASP B 175 -24.23 -0.05 -2.74
N SER B 176 -22.96 0.15 -2.41
CA SER B 176 -22.56 1.13 -1.41
C SER B 176 -22.26 2.49 -2.00
N THR B 177 -22.31 2.64 -3.33
CA THR B 177 -21.78 3.81 -3.99
C THR B 177 -22.53 4.02 -5.29
N ARG B 178 -22.49 5.27 -5.76
CA ARG B 178 -22.98 5.60 -7.09
C ARG B 178 -21.88 5.51 -8.16
N ILE B 179 -20.63 5.34 -7.75
CA ILE B 179 -19.54 5.22 -8.71
C ILE B 179 -19.62 3.85 -9.39
N ARG B 180 -19.25 3.81 -10.68
CA ARG B 180 -19.17 2.56 -11.43
C ARG B 180 -17.94 1.77 -11.00
N ILE B 181 -18.17 0.61 -10.42
CA ILE B 181 -17.10 -0.27 -9.96
C ILE B 181 -16.72 -1.22 -11.10
N THR B 182 -15.43 -1.44 -11.28
CA THR B 182 -14.93 -2.31 -12.34
C THR B 182 -14.25 -3.54 -11.74
N ASP B 183 -13.99 -4.50 -12.64
CA ASP B 183 -13.29 -5.71 -12.25
C ASP B 183 -11.85 -5.44 -11.82
N ASN B 184 -11.34 -4.24 -12.06
CA ASN B 184 -9.99 -3.85 -11.61
C ASN B 184 -9.97 -3.27 -10.20
N MET B 185 -11.08 -3.38 -9.49
CA MET B 185 -11.22 -2.88 -8.14
C MET B 185 -11.82 -3.98 -7.28
N PHE B 186 -11.48 -3.97 -5.99
CA PHE B 186 -12.26 -4.70 -5.00
C PHE B 186 -12.45 -3.78 -3.81
N CYS B 187 -13.39 -4.12 -2.93
CA CYS B 187 -13.57 -3.31 -1.73
C CYS B 187 -13.43 -4.17 -0.48
N ALA B 188 -13.15 -3.49 0.63
CA ALA B 188 -12.89 -4.15 1.90
C ALA B 188 -13.29 -3.22 3.04
N GLY B 189 -13.64 -3.82 4.15
CA GLY B 189 -14.09 -3.11 5.31
C GLY B 189 -15.21 -3.86 6.00
N TYR B 190 -15.53 -3.48 7.23
CA TYR B 190 -16.62 -4.11 7.97
C TYR B 190 -17.96 -3.48 7.59
N LYS B 191 -19.00 -4.28 7.67
CA LYS B 191 -20.36 -3.79 7.51
C LYS B 191 -20.82 -3.16 8.81
N PRO B 192 -21.86 -2.31 8.75
CA PRO B 192 -22.35 -1.66 9.97
C PRO B 192 -22.66 -2.61 11.11
N ASP B 193 -23.31 -3.73 10.86
CA ASP B 193 -23.69 -4.60 11.96
C ASP B 193 -22.60 -5.57 12.39
N GLU B 194 -21.45 -5.56 11.72
CA GLU B 194 -20.33 -6.38 12.16
C GLU B 194 -19.60 -5.80 13.37
N GLY B 195 -19.90 -4.55 13.75
CA GLY B 195 -19.34 -3.99 14.97
C GLY B 195 -17.98 -3.37 14.79
N LYS B 196 -17.02 -4.15 14.29
CA LYS B 196 -15.65 -3.67 14.15
C LYS B 196 -15.57 -2.61 13.07
N ARG B 197 -14.47 -1.84 13.09
CA ARG B 197 -14.33 -0.68 12.23
C ARG B 197 -12.95 -0.67 11.60
N GLY B 198 -12.70 0.34 10.77
CA GLY B 198 -11.40 0.50 10.15
C GLY B 198 -11.47 0.85 8.68
N ASP B 199 -10.55 1.70 8.24
CA ASP B 199 -10.51 2.11 6.84
C ASP B 199 -9.19 2.81 6.61
N ALA B 200 -8.83 2.94 5.34
CA ALA B 200 -7.80 3.86 4.91
C ALA B 200 -8.37 5.27 4.89
N CYS B 201 -7.49 6.25 4.85
CA CYS B 201 -7.89 7.65 4.86
C CYS B 201 -6.90 8.45 4.04
N GLU B 202 -7.15 9.76 3.92
CA GLU B 202 -6.25 10.62 3.16
C GLU B 202 -4.82 10.42 3.65
N GLY B 203 -3.90 10.27 2.70
CA GLY B 203 -2.51 10.00 3.00
C GLY B 203 -2.11 8.54 2.90
N ASP B 204 -3.08 7.62 2.98
CA ASP B 204 -2.80 6.20 2.84
C ASP B 204 -2.81 5.75 1.40
N SER B 205 -3.37 6.56 0.51
CA SER B 205 -3.35 6.34 -0.93
C SER B 205 -2.03 5.73 -1.39
N GLY B 206 -2.13 4.69 -2.21
CA GLY B 206 -0.98 4.10 -2.83
C GLY B 206 -0.29 3.01 -2.03
N GLY B 207 -0.61 2.88 -0.76
CA GLY B 207 -0.06 1.83 0.06
C GLY B 207 -0.67 0.49 -0.22
N PRO B 208 -0.11 -0.54 0.40
CA PRO B 208 -0.50 -1.92 0.07
C PRO B 208 -1.60 -2.48 0.95
N PHE B 209 -2.42 -3.33 0.31
CA PHE B 209 -3.35 -4.27 0.96
C PHE B 209 -2.73 -5.64 0.76
N VAL B 210 -2.28 -6.25 1.86
CA VAL B 210 -1.52 -7.49 1.79
C VAL B 210 -2.30 -8.62 2.46
N MET B 211 -1.98 -9.85 2.03
CA MET B 211 -2.53 -11.08 2.61
C MET B 211 -1.39 -12.07 2.80
N LYS B 212 -1.44 -12.84 3.86
CA LYS B 212 -0.42 -13.85 4.13
C LYS B 212 -0.92 -15.21 3.64
N SER B 213 -0.30 -15.74 2.62
CA SER B 213 -0.77 -16.99 2.07
C SER B 213 -0.64 -18.09 3.11
N PRO B 214 -1.70 -18.87 3.35
CA PRO B 214 -1.58 -20.00 4.28
C PRO B 214 -0.96 -21.22 3.63
N PHE B 215 -0.71 -21.17 2.32
CA PHE B 215 -0.10 -22.25 1.58
C PHE B 215 1.42 -22.20 1.67
N ASN B 216 2.01 -21.01 1.58
CA ASN B 216 3.48 -20.90 1.60
C ASN B 216 4.00 -19.90 2.62
N ASN B 217 3.14 -19.32 3.44
CA ASN B 217 3.51 -18.42 4.52
C ASN B 217 4.26 -17.17 4.06
N ARG B 218 3.97 -16.70 2.84
CA ARG B 218 4.52 -15.47 2.30
C ARG B 218 3.44 -14.41 2.16
N TRP B 219 3.84 -13.17 2.33
CA TRP B 219 2.94 -12.04 2.14
C TRP B 219 2.88 -11.63 0.67
N TYR B 220 1.65 -11.42 0.21
CA TYR B 220 1.33 -11.02 -1.15
C TYR B 220 0.57 -9.71 -1.13
N GLN B 221 0.91 -8.83 -2.06
CA GLN B 221 0.16 -7.58 -2.21
C GLN B 221 -0.99 -7.79 -3.20
N MET B 222 -2.20 -7.87 -2.67
N MET B 222 -2.21 -7.90 -2.67
CA MET B 222 -3.38 -8.09 -3.48
CA MET B 222 -3.38 -8.08 -3.52
C MET B 222 -4.03 -6.78 -3.93
C MET B 222 -3.92 -6.74 -4.01
N GLY B 223 -3.79 -5.68 -3.22
CA GLY B 223 -4.45 -4.43 -3.53
C GLY B 223 -3.54 -3.24 -3.31
N ILE B 224 -3.97 -2.10 -3.86
CA ILE B 224 -3.36 -0.80 -3.65
C ILE B 224 -4.47 0.11 -3.13
N VAL B 225 -4.20 0.85 -2.05
CA VAL B 225 -5.18 1.80 -1.54
C VAL B 225 -5.53 2.81 -2.64
N SER B 226 -6.79 2.83 -3.04
CA SER B 226 -7.20 3.60 -4.22
C SER B 226 -8.16 4.73 -3.88
N TRP B 227 -9.34 4.45 -3.34
CA TRP B 227 -10.28 5.53 -3.05
C TRP B 227 -11.31 5.06 -2.04
N GLY B 228 -12.04 6.03 -1.49
CA GLY B 228 -13.17 5.74 -0.63
C GLY B 228 -13.98 6.99 -0.43
N GLU B 229 -15.18 6.79 0.05
CA GLU B 229 -16.13 7.88 0.28
C GLU B 229 -16.13 8.16 1.77
N GLY B 230 -15.36 9.16 2.18
CA GLY B 230 -15.11 9.38 3.58
C GLY B 230 -14.12 8.37 4.10
N CYS B 231 -13.85 8.46 5.39
CA CYS B 231 -12.97 7.51 6.06
C CYS B 231 -13.76 6.82 7.17
N ASP B 232 -13.89 5.50 7.06
CA ASP B 232 -14.54 4.70 8.10
C ASP B 232 -16.00 5.07 8.31
N ARG B 233 -16.69 5.42 7.22
CA ARG B 233 -18.11 5.74 7.31
C ARG B 233 -18.93 4.45 7.28
N ASP B 234 -19.96 4.41 8.11
CA ASP B 234 -20.87 3.27 8.10
C ASP B 234 -21.51 3.12 6.73
N GLY B 235 -21.49 1.89 6.21
CA GLY B 235 -22.09 1.60 4.94
C GLY B 235 -21.24 1.92 3.74
N LYS B 236 -20.07 2.52 3.93
CA LYS B 236 -19.10 2.73 2.88
C LYS B 236 -17.97 1.73 3.06
N TYR B 237 -17.19 1.55 2.00
CA TYR B 237 -16.07 0.63 1.99
C TYR B 237 -14.89 1.28 1.30
N GLY B 238 -13.70 0.81 1.65
CA GLY B 238 -12.53 1.25 0.92
C GLY B 238 -12.37 0.45 -0.35
N PHE B 239 -11.94 1.14 -1.40
CA PHE B 239 -11.69 0.51 -2.70
C PHE B 239 -10.20 0.42 -2.97
N TYR B 240 -9.82 -0.70 -3.57
CA TYR B 240 -8.43 -1.09 -3.78
C TYR B 240 -8.24 -1.53 -5.22
N THR B 241 -7.11 -1.13 -5.80
CA THR B 241 -6.74 -1.63 -7.11
C THR B 241 -6.44 -3.13 -7.04
N HIS B 242 -7.01 -3.88 -7.98
CA HIS B 242 -6.86 -5.35 -8.06
C HIS B 242 -5.51 -5.63 -8.74
N VAL B 243 -4.48 -5.89 -7.94
CA VAL B 243 -3.12 -5.98 -8.46
C VAL B 243 -2.99 -7.11 -9.47
N PHE B 244 -3.55 -8.29 -9.15
CA PHE B 244 -3.39 -9.40 -10.06
C PHE B 244 -4.00 -9.09 -11.44
N ARG B 245 -5.15 -8.42 -11.49
CA ARG B 245 -5.77 -8.14 -12.77
C ARG B 245 -4.90 -7.24 -13.64
N LEU B 246 -3.96 -6.50 -13.05
CA LEU B 246 -3.09 -5.59 -13.77
C LEU B 246 -1.66 -6.09 -13.81
N LYS B 247 -1.43 -7.35 -13.46
CA LYS B 247 -0.07 -7.84 -13.34
C LYS B 247 0.62 -7.97 -14.68
N LYS B 248 -0.11 -8.28 -15.76
CA LYS B 248 0.54 -8.38 -17.06
C LYS B 248 1.15 -7.04 -17.46
N TRP B 249 0.49 -5.93 -17.12
CA TRP B 249 1.09 -4.62 -17.37
C TRP B 249 2.32 -4.41 -16.50
N ILE B 250 2.24 -4.77 -15.22
CA ILE B 250 3.41 -4.70 -14.35
C ILE B 250 4.58 -5.42 -14.99
N GLN B 251 4.36 -6.67 -15.39
CA GLN B 251 5.44 -7.50 -15.92
C GLN B 251 5.99 -6.90 -17.21
N LYS B 252 5.10 -6.40 -18.07
CA LYS B 252 5.53 -5.77 -19.31
C LYS B 252 6.46 -4.60 -19.03
N VAL B 253 6.11 -3.74 -18.06
CA VAL B 253 6.93 -2.58 -17.74
C VAL B 253 8.29 -3.02 -17.22
N ILE B 254 8.30 -3.97 -16.29
CA ILE B 254 9.55 -4.38 -15.69
C ILE B 254 10.39 -5.15 -16.70
N ASP B 255 9.77 -6.03 -17.48
CA ASP B 255 10.51 -6.80 -18.46
C ASP B 255 11.02 -5.96 -19.62
N GLN B 256 10.69 -4.66 -19.68
CA GLN B 256 11.15 -3.81 -20.76
C GLN B 256 11.85 -2.53 -20.29
N PHE B 257 11.89 -2.27 -19.00
CA PHE B 257 12.59 -1.09 -18.49
C PHE B 257 13.39 -1.46 -17.25
N ASP C 2 5.72 19.59 9.55
CA ASP C 2 6.20 19.15 10.86
C ASP C 2 7.09 17.93 10.70
N PHE C 3 7.77 17.84 9.55
CA PHE C 3 8.69 16.76 9.26
C PHE C 3 10.11 17.18 9.59
N GLU C 4 10.89 16.26 10.13
CA GLU C 4 12.30 16.51 10.39
C GLU C 4 13.04 16.63 9.07
N GLU C 5 13.95 17.59 8.98
CA GLU C 5 14.73 17.82 7.78
C GLU C 5 15.48 16.54 7.41
N ILE C 6 15.51 16.23 6.12
CA ILE C 6 16.27 15.07 5.65
C ILE C 6 17.66 15.55 5.25
N PRO C 7 18.66 14.68 5.17
CA PRO C 7 19.98 15.14 4.75
C PRO C 7 19.95 15.81 3.38
N GLU C 8 20.66 16.93 3.27
CA GLU C 8 20.65 17.68 2.02
C GLU C 8 21.13 16.85 0.83
N GLU C 9 21.92 15.82 1.07
CA GLU C 9 22.43 14.99 -0.01
C GLU C 9 21.30 14.35 -0.85
N TYS C 10 20.12 14.19 -0.27
CA TYS C 10 19.02 13.57 -0.99
CB TYS C 10 18.06 12.86 -0.05
CG TYS C 10 18.78 11.76 0.70
CD1 TYS C 10 18.91 11.85 2.08
CD2 TYS C 10 19.32 10.68 0.01
CE1 TYS C 10 19.57 10.85 2.78
CE2 TYS C 10 20.00 9.69 0.70
CZ TYS C 10 20.11 9.78 2.09
OH TYS C 10 20.78 8.80 2.77
S TYS C 10 19.99 7.58 3.32
O1 TYS C 10 18.82 8.11 4.33
O2 TYS C 10 20.97 6.85 4.08
O3 TYS C 10 19.50 6.83 2.23
C TYS C 10 18.24 14.58 -1.77
O TYS C 10 17.44 14.18 -2.65
H TYS C 10 19.97 14.42 0.55
HA TYS C 10 19.42 12.93 -1.59
HB2 TYS C 10 17.32 12.48 -0.56
HB3 TYS C 10 17.68 13.49 0.58
HD1 TYS C 10 18.54 12.57 2.53
HD2 TYS C 10 19.23 10.62 -0.92
HE1 TYS C 10 19.65 10.89 3.70
HE2 TYS C 10 20.36 8.97 0.24
N LEU C 11 18.41 15.86 -1.49
CA LEU C 11 17.65 16.89 -2.19
C LEU C 11 18.47 17.53 -3.31
N GLN C 12 19.70 17.05 -3.50
CA GLN C 12 20.59 17.62 -4.52
C GLN C 12 20.59 16.76 -5.77
C1 NAG D . 1.49 15.30 -17.06
C2 NAG D . 0.71 15.50 -18.35
C3 NAG D . 1.55 14.88 -19.47
C4 NAG D . 2.90 15.58 -19.56
C5 NAG D . 3.60 15.53 -18.20
C6 NAG D . 4.84 16.40 -18.16
C7 NAG D . -1.71 15.56 -17.95
C8 NAG D . -2.99 14.79 -18.00
N2 NAG D . -0.61 14.88 -18.30
O3 NAG D . 0.86 15.00 -20.70
O4 NAG D . 3.72 14.97 -20.54
O5 NAG D . 2.72 16.04 -17.18
O6 NAG D . 5.29 16.57 -16.82
O7 NAG D . -1.68 16.74 -17.63
S DMS E . -13.27 -9.95 -4.67
O DMS E . -13.97 -8.73 -5.15
C1 DMS E . -14.48 -10.85 -3.65
C2 DMS E . -13.22 -11.07 -6.08
S DMS F . -2.31 -22.81 -3.72
O DMS F . -3.63 -23.52 -3.68
C1 DMS F . -1.52 -23.19 -5.31
C2 DMS F . -2.58 -21.03 -3.97
P PO4 G . -12.73 2.60 -18.77
O1 PO4 G . -11.33 3.13 -19.05
O2 PO4 G . -13.74 3.57 -19.31
O3 PO4 G . -12.84 2.49 -17.27
O4 PO4 G . -12.88 1.24 -19.41
NA NA H . -24.32 1.41 -6.90
NA NA I . -17.29 1.66 6.45
C1 F05 J . -7.91 8.02 -0.14
C2 F05 J . -7.70 6.67 -0.43
C3 F05 J . -8.53 5.70 0.14
C4 F05 J . -9.56 6.09 0.99
C5 F05 J . -9.77 7.44 1.25
C6 F05 J . -8.95 8.40 0.70
C7 F05 J . -10.96 7.58 2.17
N8 F05 J . -11.34 6.19 2.42
C9 F05 J . -10.56 5.34 1.78
N10 F05 J . -10.61 4.00 1.85
#